data_1TYG
#
_entry.id   1TYG
#
_cell.length_a   91.654
_cell.length_b   91.654
_cell.length_c   401.300
_cell.angle_alpha   90.00
_cell.angle_beta   90.00
_cell.angle_gamma   120.00
#
_symmetry.space_group_name_H-M   'P 65 2 2'
#
loop_
_entity.id
_entity.type
_entity.pdbx_description
1 polymer yjbS
2 polymer 'Thiazole biosynthesis protein thiG'
3 non-polymer 'PHOSPHATE ION'
4 water water
#
loop_
_entity_poly.entity_id
_entity_poly.type
_entity_poly.pdbx_seq_one_letter_code
_entity_poly.pdbx_strand_id
1 'polypeptide(L)'
;MGHHHHHHHHHHSSGHIGGRHMLQLNGKDVKWKKDTGTIQDLLASYQLENKIVIVERNKEIIGKERYHEVELCDRDVIEI
VHFVGGG
;
B,G
2 'polypeptide(L)'
;MLTIGGKSFQSRLLLGTGKYPSFDIQKEAVAVSESDILTFAVRRMNIFEASQPNFLEQLDLSKYTLLPNTAGASTAEEAV
RIARLAKASGLCDMIKVEVIGCSRSLLPDPVETLKASEQLLEEGFIVLPYTSDDVVLARKLEELGVHAIMPGASPIGSGQ
GILNPLNLSFIIEQAKVPVIVDAGIGSPKDAAYAMELGADGVLLNTAVSGADDPVKMARAMKLAVEAGRLSYEAGRIPLK
QYGTASSPGEGLP
;
A,C
#
# COMPACT_ATOMS: atom_id res chain seq x y z
N MET A 22 -10.87 -55.48 -13.41
CA MET A 22 -9.90 -55.13 -12.29
C MET A 22 -8.86 -53.99 -12.52
N LEU A 23 -9.13 -52.83 -11.93
CA LEU A 23 -8.34 -51.65 -12.26
C LEU A 23 -7.49 -51.17 -11.08
N GLN A 24 -6.54 -50.27 -11.38
CA GLN A 24 -5.84 -49.56 -10.34
C GLN A 24 -6.24 -48.14 -10.53
N LEU A 25 -7.24 -47.77 -9.73
CA LEU A 25 -7.84 -46.43 -9.73
C LEU A 25 -7.27 -45.61 -8.58
N ASN A 26 -6.50 -44.54 -8.89
CA ASN A 26 -5.85 -43.71 -7.88
C ASN A 26 -5.33 -44.58 -6.79
N GLY A 27 -4.68 -45.68 -7.20
CA GLY A 27 -3.84 -46.50 -6.33
C GLY A 27 -4.53 -47.62 -5.61
N LYS A 28 -5.81 -47.45 -5.28
CA LYS A 28 -6.66 -48.53 -4.80
C LYS A 28 -6.95 -49.46 -5.99
N ASP A 29 -7.20 -50.72 -5.68
CA ASP A 29 -7.43 -51.77 -6.67
C ASP A 29 -8.93 -51.94 -6.68
N VAL A 30 -9.63 -51.37 -7.65
CA VAL A 30 -11.07 -51.56 -7.69
C VAL A 30 -11.43 -52.58 -8.77
N LYS A 31 -12.49 -53.35 -8.46
CA LYS A 31 -13.21 -54.21 -9.41
C LYS A 31 -14.07 -53.40 -10.44
N TRP A 32 -13.79 -53.51 -11.74
CA TRP A 32 -14.58 -52.72 -12.74
C TRP A 32 -15.81 -53.42 -13.34
N LYS A 33 -17.00 -52.89 -13.13
CA LYS A 33 -18.23 -53.67 -13.31
C LYS A 33 -18.26 -54.73 -14.42
N LYS A 34 -17.95 -54.35 -15.66
CA LYS A 34 -18.21 -55.23 -16.83
C LYS A 34 -16.99 -55.62 -17.70
N ASP A 35 -17.26 -56.48 -18.69
CA ASP A 35 -16.31 -57.03 -19.66
C ASP A 35 -15.49 -56.02 -20.47
N THR A 36 -16.16 -55.01 -21.03
CA THR A 36 -15.50 -53.98 -21.82
C THR A 36 -15.81 -52.58 -21.29
N GLY A 37 -15.05 -51.59 -21.75
CA GLY A 37 -15.30 -50.21 -21.35
C GLY A 37 -14.36 -49.18 -21.92
N THR A 38 -14.73 -47.92 -21.74
CA THR A 38 -13.96 -46.74 -22.22
C THR A 38 -13.75 -45.70 -21.12
N ILE A 39 -12.64 -44.98 -21.17
CA ILE A 39 -12.40 -43.93 -20.17
C ILE A 39 -13.67 -43.13 -19.81
N GLN A 40 -14.53 -42.90 -20.80
CA GLN A 40 -15.75 -42.20 -20.50
C GLN A 40 -16.67 -43.04 -19.59
N ASP A 41 -16.98 -44.29 -19.99
CA ASP A 41 -17.82 -45.21 -19.17
C ASP A 41 -17.43 -45.18 -17.71
N LEU A 42 -16.12 -45.09 -17.49
CA LEU A 42 -15.50 -45.15 -16.18
C LEU A 42 -15.82 -43.88 -15.39
N LEU A 43 -15.57 -42.70 -15.97
CA LEU A 43 -15.91 -41.42 -15.32
C LEU A 43 -17.40 -41.33 -14.98
N ALA A 44 -18.23 -41.75 -15.92
CA ALA A 44 -19.64 -41.92 -15.66
C ALA A 44 -19.96 -42.71 -14.37
N SER A 45 -19.60 -43.99 -14.32
CA SER A 45 -19.86 -44.80 -13.13
C SER A 45 -19.44 -44.18 -11.78
N TYR A 46 -18.46 -43.28 -11.80
CA TYR A 46 -17.94 -42.64 -10.58
C TYR A 46 -18.40 -41.19 -10.46
N GLN A 47 -19.25 -40.77 -11.41
CA GLN A 47 -19.97 -39.49 -11.42
C GLN A 47 -19.14 -38.25 -11.73
N LEU A 48 -18.13 -38.42 -12.58
CA LEU A 48 -17.12 -37.38 -12.88
C LEU A 48 -17.24 -36.80 -14.29
N GLU A 49 -18.37 -37.11 -14.93
CA GLU A 49 -18.64 -36.70 -16.30
C GLU A 49 -18.78 -35.19 -16.36
N ASN A 50 -19.35 -34.58 -15.31
CA ASN A 50 -19.54 -33.13 -15.27
C ASN A 50 -18.53 -32.35 -14.38
N LYS A 51 -17.30 -32.84 -14.35
CA LYS A 51 -16.26 -32.33 -13.47
C LYS A 51 -14.98 -32.27 -14.25
N ILE A 52 -14.21 -31.20 -14.05
CA ILE A 52 -12.93 -31.06 -14.72
C ILE A 52 -12.09 -32.03 -14.00
N VAL A 53 -11.49 -32.98 -14.73
CA VAL A 53 -10.47 -33.90 -14.17
C VAL A 53 -9.49 -34.20 -15.28
N ILE A 54 -8.28 -34.61 -14.95
CA ILE A 54 -7.34 -35.05 -16.00
C ILE A 54 -7.17 -36.55 -15.80
N VAL A 55 -7.13 -37.34 -16.87
CA VAL A 55 -6.99 -38.82 -16.69
C VAL A 55 -5.74 -39.41 -17.29
N GLU A 56 -4.94 -40.13 -16.51
CA GLU A 56 -3.83 -40.86 -17.14
C GLU A 56 -4.00 -42.37 -17.03
N ARG A 57 -3.55 -43.09 -18.07
CA ARG A 57 -3.80 -44.54 -18.20
C ARG A 57 -2.50 -45.17 -18.61
N ASN A 58 -1.93 -45.97 -17.71
CA ASN A 58 -0.58 -46.52 -17.87
C ASN A 58 0.49 -45.42 -18.19
N LYS A 59 0.48 -44.36 -17.39
CA LYS A 59 1.46 -43.31 -17.43
C LYS A 59 1.26 -42.40 -18.63
N GLU A 60 0.20 -42.68 -19.40
CA GLU A 60 -0.16 -41.93 -20.60
C GLU A 60 -1.24 -40.87 -20.29
N ILE A 61 -1.01 -39.58 -20.58
CA ILE A 61 -2.04 -38.60 -20.26
C ILE A 61 -3.14 -38.67 -21.31
N ILE A 62 -4.40 -38.69 -20.87
CA ILE A 62 -5.52 -38.78 -21.81
C ILE A 62 -6.37 -37.49 -22.05
N GLY A 63 -6.23 -36.93 -23.25
CA GLY A 63 -7.05 -35.78 -23.64
C GLY A 63 -8.57 -36.04 -23.64
N LYS A 64 -9.35 -35.11 -23.06
CA LYS A 64 -10.79 -35.30 -22.87
C LYS A 64 -11.51 -35.69 -24.17
N GLU A 65 -10.97 -35.22 -25.29
CA GLU A 65 -11.59 -35.45 -26.60
C GLU A 65 -11.27 -36.85 -27.14
N ARG A 66 -10.88 -37.75 -26.25
CA ARG A 66 -10.51 -39.10 -26.68
C ARG A 66 -11.01 -40.18 -25.73
N TYR A 67 -11.68 -39.77 -24.65
CA TYR A 67 -12.33 -40.66 -23.67
C TYR A 67 -13.23 -41.74 -24.27
N HIS A 68 -14.41 -41.32 -24.74
CA HIS A 68 -15.34 -42.11 -25.55
C HIS A 68 -14.67 -43.11 -26.50
N GLU A 69 -13.38 -42.90 -26.74
CA GLU A 69 -12.65 -43.55 -27.83
C GLU A 69 -11.52 -44.49 -27.33
N VAL A 70 -10.73 -44.07 -26.34
CA VAL A 70 -9.72 -44.98 -25.74
C VAL A 70 -10.40 -46.04 -24.88
N GLU A 71 -10.08 -47.29 -25.19
CA GLU A 71 -10.70 -48.41 -24.53
C GLU A 71 -9.95 -48.87 -23.29
N LEU A 72 -10.71 -49.01 -22.20
CA LEU A 72 -10.34 -49.74 -21.00
C LEU A 72 -9.94 -51.17 -21.33
N CYS A 73 -8.68 -51.35 -21.73
CA CYS A 73 -8.07 -52.66 -21.81
C CYS A 73 -8.09 -53.09 -20.41
N ASP A 74 -9.29 -53.39 -19.94
CA ASP A 74 -9.54 -53.64 -18.54
C ASP A 74 -8.24 -53.68 -17.72
N ARG A 75 -7.75 -54.88 -17.39
CA ARG A 75 -7.05 -55.00 -16.12
C ARG A 75 -5.72 -54.25 -16.00
N ASP A 76 -5.77 -52.91 -15.73
CA ASP A 76 -4.73 -51.84 -16.02
C ASP A 76 -4.79 -50.43 -15.19
N VAL A 77 -4.05 -49.38 -15.55
CA VAL A 77 -3.75 -48.30 -14.55
C VAL A 77 -4.21 -46.83 -14.72
N ILE A 78 -5.26 -46.44 -13.99
CA ILE A 78 -5.78 -45.06 -14.12
C ILE A 78 -5.44 -44.20 -12.91
N GLU A 79 -5.11 -42.92 -13.16
CA GLU A 79 -5.04 -41.92 -12.10
C GLU A 79 -5.96 -40.81 -12.51
N ILE A 80 -6.93 -40.52 -11.67
CA ILE A 80 -7.81 -39.40 -11.96
C ILE A 80 -7.37 -38.24 -11.06
N VAL A 81 -7.32 -37.04 -11.63
CA VAL A 81 -6.60 -35.95 -11.04
C VAL A 81 -7.33 -34.60 -11.31
N HIS A 82 -7.12 -33.57 -10.47
CA HIS A 82 -7.83 -32.27 -10.66
C HIS A 82 -7.26 -31.07 -9.91
N PHE A 83 -7.65 -29.86 -10.29
CA PHE A 83 -7.04 -28.68 -9.69
C PHE A 83 -7.65 -28.33 -8.35
N VAL A 84 -6.80 -27.97 -7.38
CA VAL A 84 -7.19 -27.81 -5.97
C VAL A 84 -6.39 -26.79 -5.15
N GLY A 85 -6.45 -25.51 -5.42
CA GLY A 85 -6.10 -24.63 -4.35
C GLY A 85 -4.63 -24.69 -4.09
N GLY A 86 -3.97 -23.55 -4.34
CA GLY A 86 -2.55 -23.36 -4.19
C GLY A 86 -2.39 -21.88 -4.07
N MET B 1 2.64 -3.02 -18.64
CA MET B 1 1.40 -3.74 -18.36
C MET B 1 1.86 -5.15 -18.15
N LEU B 2 1.74 -5.69 -16.95
CA LEU B 2 2.38 -6.99 -16.68
C LEU B 2 2.22 -7.90 -17.84
N THR B 3 3.33 -8.29 -18.44
CA THR B 3 3.22 -9.10 -19.63
C THR B 3 4.22 -10.25 -19.66
N ILE B 4 3.64 -11.46 -19.52
CA ILE B 4 4.28 -12.76 -19.33
C ILE B 4 3.99 -13.68 -20.51
N GLY B 5 5.03 -14.11 -21.18
CA GLY B 5 4.85 -15.03 -22.29
C GLY B 5 4.08 -14.42 -23.43
N GLY B 6 4.22 -13.12 -23.66
CA GLY B 6 3.46 -12.56 -24.75
C GLY B 6 1.98 -12.25 -24.58
N LYS B 7 1.37 -12.65 -23.44
CA LYS B 7 0.03 -12.26 -22.99
C LYS B 7 0.09 -11.21 -21.87
N SER B 8 -0.83 -10.24 -21.85
CA SER B 8 -0.82 -9.17 -20.83
C SER B 8 -1.91 -9.21 -19.77
N PHE B 9 -1.64 -8.61 -18.62
CA PHE B 9 -2.55 -8.69 -17.48
C PHE B 9 -2.66 -7.35 -16.87
N GLN B 10 -3.85 -6.84 -16.77
CA GLN B 10 -3.99 -5.49 -16.26
C GLN B 10 -3.77 -5.38 -14.74
N SER B 11 -3.89 -6.52 -14.02
CA SER B 11 -3.68 -6.55 -12.59
C SER B 11 -2.32 -7.12 -12.24
N ARG B 12 -1.47 -6.26 -11.69
CA ARG B 12 -0.18 -6.73 -11.22
C ARG B 12 -0.22 -7.74 -10.01
N LEU B 13 -1.41 -7.97 -9.42
CA LEU B 13 -1.59 -8.89 -8.30
C LEU B 13 -2.06 -10.30 -8.73
N LEU B 14 -1.29 -11.32 -8.34
CA LEU B 14 -1.69 -12.70 -8.59
C LEU B 14 -2.06 -13.32 -7.25
N LEU B 15 -3.16 -14.03 -7.24
CA LEU B 15 -3.69 -14.46 -5.98
C LEU B 15 -3.77 -15.97 -6.00
N GLY B 16 -3.41 -16.61 -4.89
CA GLY B 16 -3.54 -18.04 -4.75
C GLY B 16 -4.90 -18.45 -4.22
N THR B 17 -5.14 -19.76 -4.16
CA THR B 17 -6.47 -20.27 -3.87
C THR B 17 -6.44 -21.29 -2.77
N GLY B 18 -5.28 -21.49 -2.17
CA GLY B 18 -5.19 -22.49 -1.12
C GLY B 18 -5.65 -21.97 0.23
N LYS B 19 -6.35 -22.81 0.99
CA LYS B 19 -6.50 -22.70 2.46
C LYS B 19 -7.31 -21.50 2.95
N TYR B 20 -8.51 -21.30 2.37
CA TYR B 20 -9.42 -20.23 2.81
C TYR B 20 -10.42 -20.88 3.74
N PRO B 21 -11.00 -20.13 4.68
CA PRO B 21 -11.97 -20.67 5.65
C PRO B 21 -13.22 -21.31 5.07
N SER B 22 -13.68 -20.88 3.89
CA SER B 22 -14.86 -21.45 3.20
C SER B 22 -14.88 -21.00 1.75
N PHE B 23 -15.58 -21.74 0.86
CA PHE B 23 -15.66 -21.40 -0.57
C PHE B 23 -16.40 -20.10 -0.79
N ASP B 24 -17.43 -19.87 0.00
CA ASP B 24 -18.20 -18.64 -0.07
C ASP B 24 -17.37 -17.39 0.23
N ILE B 25 -16.19 -17.53 0.81
CA ILE B 25 -15.30 -16.39 1.07
C ILE B 25 -14.16 -16.33 0.07
N GLN B 26 -13.70 -17.49 -0.37
CA GLN B 26 -12.65 -17.60 -1.39
C GLN B 26 -13.14 -17.05 -2.74
N LYS B 27 -14.42 -17.29 -3.03
CA LYS B 27 -15.04 -16.84 -4.28
C LYS B 27 -15.14 -15.34 -4.23
N GLU B 28 -15.45 -14.85 -3.04
CA GLU B 28 -15.73 -13.45 -2.85
C GLU B 28 -14.46 -12.66 -2.69
N ALA B 29 -13.44 -13.28 -2.11
CA ALA B 29 -12.15 -12.63 -1.94
C ALA B 29 -11.46 -12.53 -3.28
N VAL B 30 -11.73 -13.51 -4.14
CA VAL B 30 -11.08 -13.54 -5.45
C VAL B 30 -11.62 -12.43 -6.33
N ALA B 31 -12.93 -12.17 -6.25
CA ALA B 31 -13.57 -11.08 -6.98
C ALA B 31 -13.02 -9.78 -6.51
N VAL B 32 -13.13 -9.57 -5.24
CA VAL B 32 -12.70 -8.32 -4.66
C VAL B 32 -11.25 -7.99 -4.99
N SER B 33 -10.42 -9.02 -5.15
CA SER B 33 -9.00 -8.84 -5.48
C SER B 33 -8.75 -8.28 -6.88
N GLU B 34 -9.68 -8.54 -7.78
CA GLU B 34 -9.59 -8.12 -9.16
C GLU B 34 -8.34 -8.72 -9.78
N SER B 35 -8.25 -10.03 -9.73
CA SER B 35 -6.97 -10.62 -9.96
C SER B 35 -6.44 -10.96 -11.36
N ASP B 36 -7.23 -11.46 -12.33
CA ASP B 36 -6.68 -12.28 -13.47
C ASP B 36 -5.47 -13.12 -13.12
N ILE B 37 -5.44 -14.38 -13.44
CA ILE B 37 -4.32 -15.17 -12.88
C ILE B 37 -4.55 -15.54 -11.40
N LEU B 38 -4.81 -16.84 -11.22
CA LEU B 38 -4.96 -17.45 -9.95
C LEU B 38 -4.23 -18.80 -10.04
N THR B 39 -3.51 -19.18 -9.00
CA THR B 39 -2.74 -20.41 -9.05
C THR B 39 -3.53 -21.56 -8.41
N PHE B 40 -3.43 -22.76 -8.98
CA PHE B 40 -4.09 -23.92 -8.38
C PHE B 40 -3.07 -25.01 -8.22
N ALA B 41 -3.40 -26.05 -7.45
CA ALA B 41 -2.49 -27.19 -7.39
C ALA B 41 -3.10 -28.43 -7.99
N VAL B 42 -2.29 -29.41 -8.28
CA VAL B 42 -2.81 -30.69 -8.75
C VAL B 42 -2.75 -31.88 -7.72
N ARG B 43 -3.87 -32.23 -7.10
CA ARG B 43 -3.90 -33.50 -6.40
C ARG B 43 -4.82 -34.42 -7.16
N ARG B 44 -4.58 -35.70 -6.88
CA ARG B 44 -5.47 -36.79 -7.19
C ARG B 44 -6.84 -36.42 -6.81
N MET B 45 -7.74 -36.75 -7.72
CA MET B 45 -9.16 -36.47 -7.54
C MET B 45 -9.63 -37.48 -6.51
N ASN B 46 -10.48 -37.04 -5.59
CA ASN B 46 -10.91 -37.89 -4.46
C ASN B 46 -12.03 -38.89 -4.80
N ILE B 47 -11.78 -39.79 -5.78
CA ILE B 47 -12.86 -40.56 -6.43
C ILE B 47 -13.78 -41.36 -5.51
N PHE B 48 -13.18 -42.18 -4.62
CA PHE B 48 -14.01 -43.11 -3.80
C PHE B 48 -14.65 -42.44 -2.59
N GLU B 49 -14.40 -41.15 -2.35
CA GLU B 49 -14.99 -40.45 -1.20
C GLU B 49 -16.42 -39.97 -1.55
N ALA B 50 -16.77 -38.70 -1.34
CA ALA B 50 -18.13 -38.24 -1.71
C ALA B 50 -18.17 -36.86 -2.31
N SER B 51 -19.27 -36.57 -2.98
CA SER B 51 -19.48 -35.36 -3.80
C SER B 51 -19.02 -34.05 -3.13
N GLN B 52 -17.82 -33.58 -3.45
CA GLN B 52 -17.30 -32.47 -2.69
C GLN B 52 -17.00 -31.29 -3.63
N PRO B 53 -17.48 -30.10 -3.28
CA PRO B 53 -17.39 -28.96 -4.20
C PRO B 53 -15.95 -28.73 -4.55
N ASN B 54 -15.72 -28.18 -5.73
CA ASN B 54 -14.40 -27.80 -6.24
C ASN B 54 -14.40 -26.35 -6.70
N PHE B 55 -13.45 -25.56 -6.22
CA PHE B 55 -13.40 -24.14 -6.55
C PHE B 55 -13.26 -23.79 -8.05
N LEU B 56 -12.41 -24.45 -8.81
CA LEU B 56 -12.30 -24.13 -10.22
C LEU B 56 -13.57 -24.55 -10.89
N GLU B 57 -14.24 -25.56 -10.40
CA GLU B 57 -15.47 -25.93 -11.06
C GLU B 57 -16.50 -24.83 -10.93
N GLN B 58 -16.50 -24.10 -9.80
CA GLN B 58 -17.28 -22.86 -9.63
C GLN B 58 -16.74 -21.82 -10.60
N LEU B 59 -15.47 -21.49 -10.46
CA LEU B 59 -14.86 -20.41 -11.20
C LEU B 59 -15.41 -20.15 -12.59
N ASP B 60 -15.89 -18.92 -12.80
CA ASP B 60 -16.18 -18.28 -14.07
C ASP B 60 -14.85 -18.16 -14.79
N LEU B 61 -14.57 -19.09 -15.71
CA LEU B 61 -13.24 -19.14 -16.32
C LEU B 61 -12.97 -17.96 -17.26
N SER B 62 -14.04 -17.29 -17.70
CA SER B 62 -13.88 -16.14 -18.58
C SER B 62 -13.18 -14.93 -17.96
N LYS B 63 -13.06 -14.91 -16.63
CA LYS B 63 -12.48 -13.79 -15.92
C LYS B 63 -11.08 -14.00 -15.37
N TYR B 64 -10.54 -15.21 -15.51
CA TYR B 64 -9.27 -15.58 -14.87
C TYR B 64 -8.37 -16.32 -15.81
N THR B 65 -7.04 -16.11 -15.69
CA THR B 65 -6.07 -16.96 -16.36
C THR B 65 -5.55 -17.98 -15.34
N LEU B 66 -5.42 -19.28 -15.63
CA LEU B 66 -4.91 -20.18 -14.54
C LEU B 66 -3.39 -20.36 -14.50
N LEU B 67 -2.88 -20.53 -13.29
CA LEU B 67 -1.46 -20.67 -13.18
C LEU B 67 -1.31 -21.85 -12.28
N PRO B 68 -1.40 -23.05 -12.82
CA PRO B 68 -1.14 -24.25 -12.06
C PRO B 68 0.32 -24.29 -11.59
N ASN B 69 0.57 -24.98 -10.48
CA ASN B 69 1.91 -25.09 -9.96
C ASN B 69 2.32 -26.51 -9.67
N THR B 70 3.49 -26.66 -9.10
CA THR B 70 4.13 -27.93 -9.06
C THR B 70 4.11 -28.49 -7.62
N ALA B 71 3.47 -27.74 -6.72
CA ALA B 71 3.53 -27.97 -5.29
C ALA B 71 3.21 -29.41 -5.11
N GLY B 72 4.11 -30.19 -4.48
CA GLY B 72 3.84 -31.61 -4.23
C GLY B 72 4.95 -32.50 -4.75
N ALA B 73 5.51 -32.08 -5.88
CA ALA B 73 6.72 -32.63 -6.46
C ALA B 73 7.92 -32.29 -5.59
N SER B 74 8.69 -33.32 -5.27
CA SER B 74 9.88 -33.16 -4.48
C SER B 74 11.08 -33.26 -5.34
N THR B 75 10.89 -33.76 -6.55
CA THR B 75 11.94 -33.82 -7.54
C THR B 75 11.45 -33.28 -8.86
N ALA B 76 12.35 -33.03 -9.80
CA ALA B 76 11.98 -32.36 -11.05
C ALA B 76 11.04 -33.20 -11.88
N GLU B 77 11.30 -34.49 -11.90
CA GLU B 77 10.50 -35.41 -12.70
C GLU B 77 9.04 -35.32 -12.27
N GLU B 78 8.83 -35.31 -10.96
CA GLU B 78 7.54 -35.20 -10.37
C GLU B 78 6.93 -33.87 -10.83
N ALA B 79 7.69 -32.81 -10.67
CA ALA B 79 7.29 -31.48 -11.07
C ALA B 79 6.79 -31.42 -12.51
N VAL B 80 7.44 -32.15 -13.43
CA VAL B 80 7.08 -32.17 -14.86
C VAL B 80 5.79 -32.95 -15.05
N ARG B 81 5.69 -34.11 -14.42
CA ARG B 81 4.52 -34.92 -14.59
C ARG B 81 3.35 -34.10 -14.16
N ILE B 82 3.52 -33.12 -13.28
CA ILE B 82 2.38 -32.26 -12.91
C ILE B 82 2.10 -31.21 -13.96
N ALA B 83 3.14 -30.64 -14.56
CA ALA B 83 2.94 -29.63 -15.60
C ALA B 83 2.29 -30.30 -16.82
N ARG B 84 2.68 -31.53 -17.13
CA ARG B 84 2.05 -32.24 -18.24
C ARG B 84 0.55 -32.44 -18.03
N LEU B 85 0.19 -32.75 -16.78
CA LEU B 85 -1.18 -33.03 -16.39
C LEU B 85 -1.97 -31.75 -16.48
N ALA B 86 -1.45 -30.67 -15.93
CA ALA B 86 -2.16 -29.39 -15.84
C ALA B 86 -2.48 -28.90 -17.24
N LYS B 87 -1.54 -29.13 -18.15
CA LYS B 87 -1.68 -28.70 -19.52
C LYS B 87 -2.70 -29.54 -20.31
N ALA B 88 -2.74 -30.84 -20.11
CA ALA B 88 -3.75 -31.68 -20.72
C ALA B 88 -5.13 -31.26 -20.34
N SER B 89 -5.25 -30.42 -19.33
CA SER B 89 -6.55 -29.93 -18.87
C SER B 89 -7.27 -29.13 -19.92
N GLY B 90 -6.52 -28.82 -20.97
CA GLY B 90 -6.83 -27.82 -21.95
C GLY B 90 -7.01 -26.38 -21.50
N LEU B 91 -6.84 -26.05 -20.23
CA LEU B 91 -7.19 -24.70 -19.74
C LEU B 91 -6.04 -23.84 -19.27
N CYS B 92 -4.80 -24.21 -19.49
CA CYS B 92 -3.74 -23.33 -19.00
C CYS B 92 -2.50 -23.55 -19.77
N ASP B 93 -1.70 -22.49 -19.93
CA ASP B 93 -0.47 -22.55 -20.73
C ASP B 93 0.81 -22.23 -19.95
N MET B 94 0.67 -21.37 -18.94
CA MET B 94 1.70 -21.04 -18.00
C MET B 94 1.93 -22.16 -16.96
N ILE B 95 3.10 -22.17 -16.34
CA ILE B 95 3.39 -23.13 -15.29
C ILE B 95 4.27 -22.56 -14.16
N LYS B 96 3.82 -22.68 -12.93
CA LYS B 96 4.64 -22.15 -11.87
C LYS B 96 5.49 -23.29 -11.34
N VAL B 97 6.81 -23.23 -11.52
CA VAL B 97 7.64 -24.39 -11.20
C VAL B 97 8.09 -24.29 -9.74
N GLU B 98 7.68 -25.28 -8.92
CA GLU B 98 7.76 -25.18 -7.48
C GLU B 98 8.31 -26.48 -6.97
N VAL B 99 9.62 -26.58 -6.74
CA VAL B 99 10.08 -27.78 -6.03
C VAL B 99 10.53 -27.51 -4.57
N ILE B 100 9.58 -27.40 -3.64
CA ILE B 100 9.97 -27.30 -2.24
C ILE B 100 11.05 -28.31 -1.81
N GLY B 101 12.12 -27.76 -1.25
CA GLY B 101 13.29 -28.53 -0.92
C GLY B 101 13.38 -28.80 0.54
N CYS B 102 12.76 -27.98 1.39
CA CYS B 102 12.93 -28.13 2.85
C CYS B 102 11.58 -28.30 3.49
N SER B 103 11.35 -29.43 4.15
CA SER B 103 10.02 -29.57 4.73
C SER B 103 9.72 -28.55 5.86
N ARG B 104 10.72 -28.01 6.54
CA ARG B 104 10.44 -27.03 7.58
C ARG B 104 10.38 -25.60 7.09
N SER B 105 11.30 -25.21 6.23
CA SER B 105 11.29 -23.83 5.77
C SER B 105 10.29 -23.67 4.67
N LEU B 106 10.15 -24.71 3.83
CA LEU B 106 9.44 -24.71 2.51
C LEU B 106 10.08 -23.79 1.55
N LEU B 107 11.40 -23.90 1.48
CA LEU B 107 12.18 -23.09 0.57
C LEU B 107 12.54 -24.03 -0.55
N PRO B 108 12.63 -23.50 -1.76
CA PRO B 108 12.78 -24.33 -2.95
C PRO B 108 14.13 -24.94 -3.04
N ASP B 109 14.20 -26.15 -3.62
CA ASP B 109 15.44 -26.75 -4.07
C ASP B 109 15.85 -26.10 -5.36
N PRO B 110 17.04 -25.47 -5.36
CA PRO B 110 17.54 -24.73 -6.53
C PRO B 110 17.90 -25.66 -7.66
N VAL B 111 18.51 -26.83 -7.39
CA VAL B 111 18.93 -27.64 -8.53
C VAL B 111 17.78 -28.32 -9.20
N GLU B 112 16.80 -28.76 -8.41
CA GLU B 112 15.56 -29.28 -9.00
C GLU B 112 14.73 -28.22 -9.81
N THR B 113 14.53 -27.02 -9.26
CA THR B 113 13.76 -25.95 -9.96
C THR B 113 14.43 -25.60 -11.25
N LEU B 114 15.76 -25.67 -11.29
CA LEU B 114 16.54 -25.34 -12.48
C LEU B 114 16.29 -26.41 -13.49
N LYS B 115 16.18 -27.65 -13.01
CA LYS B 115 16.08 -28.85 -13.85
C LYS B 115 14.72 -28.95 -14.47
N ALA B 116 13.66 -28.72 -13.69
CA ALA B 116 12.31 -28.88 -14.19
C ALA B 116 11.96 -27.69 -15.07
N SER B 117 12.70 -26.61 -14.88
CA SER B 117 12.48 -25.42 -15.68
C SER B 117 12.94 -25.58 -17.10
N GLU B 118 14.10 -26.19 -17.26
CA GLU B 118 14.66 -26.33 -18.58
C GLU B 118 13.99 -27.46 -19.39
N GLN B 119 13.52 -28.51 -18.69
CA GLN B 119 12.62 -29.49 -19.31
C GLN B 119 11.30 -28.87 -19.83
N LEU B 120 10.58 -28.22 -18.94
CA LEU B 120 9.35 -27.62 -19.31
C LEU B 120 9.54 -26.66 -20.44
N LEU B 121 10.66 -25.92 -20.48
CA LEU B 121 10.90 -25.01 -21.62
C LEU B 121 10.99 -25.78 -22.92
N GLU B 122 11.89 -26.76 -23.04
CA GLU B 122 11.88 -27.73 -24.13
C GLU B 122 10.49 -28.19 -24.49
N GLU B 123 9.56 -28.31 -23.54
CA GLU B 123 8.22 -28.81 -23.86
C GLU B 123 7.20 -27.70 -24.15
N GLY B 124 7.69 -26.49 -24.22
CA GLY B 124 6.96 -25.38 -24.77
C GLY B 124 6.03 -24.84 -23.75
N PHE B 125 6.49 -24.63 -22.53
CA PHE B 125 5.64 -24.09 -21.47
C PHE B 125 6.00 -22.61 -21.32
N ILE B 126 5.05 -21.80 -20.86
CA ILE B 126 5.43 -20.52 -20.30
C ILE B 126 5.75 -20.88 -18.84
N VAL B 127 7.03 -20.75 -18.46
CA VAL B 127 7.59 -21.30 -17.22
C VAL B 127 7.96 -20.16 -16.31
N LEU B 128 7.36 -20.15 -15.13
CA LEU B 128 7.74 -19.15 -14.17
C LEU B 128 8.18 -19.91 -12.96
N PRO B 129 9.47 -19.97 -12.73
CA PRO B 129 10.06 -20.66 -11.58
C PRO B 129 9.78 -19.95 -10.27
N TYR B 130 9.32 -20.61 -9.20
CA TYR B 130 9.40 -20.03 -7.87
C TYR B 130 10.81 -20.25 -7.43
N THR B 131 11.52 -19.20 -7.17
CA THR B 131 12.92 -19.35 -6.75
C THR B 131 13.16 -18.75 -5.37
N SER B 132 14.35 -18.98 -4.84
CA SER B 132 14.80 -18.37 -3.63
C SER B 132 15.20 -16.88 -3.66
N ASP B 133 15.77 -16.28 -4.71
CA ASP B 133 16.46 -14.97 -4.38
C ASP B 133 18.01 -14.98 -4.08
N ASP B 134 18.63 -16.15 -4.18
CA ASP B 134 19.99 -16.29 -4.59
C ASP B 134 20.06 -15.48 -5.90
N VAL B 135 20.80 -14.40 -5.89
CA VAL B 135 20.91 -13.60 -7.10
C VAL B 135 21.45 -14.36 -8.32
N VAL B 136 22.60 -15.01 -8.20
CA VAL B 136 23.16 -15.63 -9.39
C VAL B 136 22.22 -16.69 -9.87
N LEU B 137 21.56 -17.36 -8.93
CA LEU B 137 20.65 -18.39 -9.35
C LEU B 137 19.52 -17.79 -10.17
N ALA B 138 18.99 -16.63 -9.79
CA ALA B 138 17.88 -16.02 -10.56
C ALA B 138 18.29 -15.85 -11.99
N ARG B 139 19.47 -15.26 -12.18
CA ARG B 139 20.04 -15.09 -13.49
C ARG B 139 20.12 -16.39 -14.24
N LYS B 140 20.64 -17.42 -13.60
CA LYS B 140 20.73 -18.74 -14.22
C LYS B 140 19.36 -19.27 -14.77
N LEU B 141 18.31 -19.11 -13.98
CA LEU B 141 17.00 -19.54 -14.36
C LEU B 141 16.58 -18.76 -15.52
N GLU B 142 16.79 -17.46 -15.45
CA GLU B 142 16.57 -16.52 -16.57
C GLU B 142 17.27 -16.96 -17.89
N GLU B 143 18.51 -17.38 -17.79
CA GLU B 143 19.28 -17.80 -18.94
C GLU B 143 18.77 -19.09 -19.53
N LEU B 144 17.75 -19.61 -18.92
CA LEU B 144 17.15 -20.82 -19.46
C LEU B 144 16.14 -20.38 -20.48
N GLY B 145 15.68 -19.16 -20.35
CA GLY B 145 14.64 -18.69 -21.21
C GLY B 145 13.31 -18.87 -20.57
N VAL B 146 13.34 -18.79 -19.26
CA VAL B 146 12.18 -18.75 -18.42
C VAL B 146 11.42 -17.44 -18.72
N HIS B 147 10.12 -17.43 -18.47
CA HIS B 147 9.28 -16.30 -18.86
C HIS B 147 9.00 -15.24 -17.79
N ALA B 148 9.27 -15.59 -16.54
CA ALA B 148 9.22 -14.70 -15.41
C ALA B 148 10.16 -15.29 -14.32
N ILE B 149 10.76 -14.47 -13.49
CA ILE B 149 11.52 -14.98 -12.39
C ILE B 149 10.71 -14.64 -11.17
N MET B 150 10.62 -15.56 -10.23
CA MET B 150 9.68 -15.35 -9.17
C MET B 150 10.25 -15.66 -7.80
N PRO B 151 11.14 -14.79 -7.31
CA PRO B 151 11.81 -14.93 -6.00
C PRO B 151 10.88 -14.74 -4.78
N GLY B 152 11.09 -15.54 -3.73
CA GLY B 152 10.38 -15.35 -2.49
C GLY B 152 10.82 -14.10 -1.75
N ALA B 153 9.95 -13.49 -0.95
CA ALA B 153 10.30 -12.33 -0.18
C ALA B 153 10.90 -12.79 1.13
N SER B 154 10.22 -13.78 1.73
CA SER B 154 10.61 -14.55 2.92
C SER B 154 10.00 -15.96 2.67
N PRO B 155 10.10 -16.91 3.58
CA PRO B 155 9.45 -18.19 3.37
C PRO B 155 7.91 -18.12 3.28
N ILE B 156 7.34 -19.02 2.45
CA ILE B 156 5.90 -19.23 2.27
C ILE B 156 5.07 -19.20 3.56
N GLY B 157 3.89 -18.61 3.52
CA GLY B 157 3.02 -18.65 4.69
C GLY B 157 3.69 -18.29 6.00
N SER B 158 4.77 -17.54 5.87
CA SER B 158 5.65 -17.18 6.96
C SER B 158 5.84 -15.70 6.84
N GLY B 159 4.85 -14.96 7.38
CA GLY B 159 4.43 -13.67 6.85
C GLY B 159 5.38 -12.54 7.11
N GLN B 160 6.60 -12.73 6.68
CA GLN B 160 7.73 -11.95 7.13
C GLN B 160 8.08 -10.77 6.22
N GLY B 161 7.37 -10.58 5.12
CA GLY B 161 7.63 -9.50 4.19
C GLY B 161 8.94 -9.64 3.44
N ILE B 162 9.47 -8.52 2.95
CA ILE B 162 10.70 -8.57 2.20
C ILE B 162 11.88 -8.66 3.15
N LEU B 163 12.49 -9.80 3.27
CA LEU B 163 13.54 -9.87 4.29
C LEU B 163 14.89 -9.39 3.79
N ASN B 164 15.07 -9.41 2.48
CA ASN B 164 16.33 -9.00 1.89
C ASN B 164 16.04 -8.16 0.68
N PRO B 165 15.72 -6.87 0.86
CA PRO B 165 15.57 -5.96 -0.30
C PRO B 165 16.79 -6.03 -1.20
N LEU B 166 18.00 -6.13 -0.62
CA LEU B 166 19.20 -5.88 -1.39
C LEU B 166 19.30 -6.88 -2.55
N ASN B 167 18.97 -8.14 -2.27
CA ASN B 167 19.00 -9.20 -3.25
C ASN B 167 17.89 -9.04 -4.25
N LEU B 168 16.68 -8.80 -3.79
CA LEU B 168 15.55 -8.59 -4.66
C LEU B 168 15.87 -7.50 -5.65
N SER B 169 16.72 -6.59 -5.24
CA SER B 169 17.02 -5.42 -6.05
C SER B 169 18.05 -5.76 -7.07
N PHE B 170 19.01 -6.60 -6.70
CA PHE B 170 19.90 -7.18 -7.68
C PHE B 170 19.08 -7.92 -8.69
N ILE B 171 18.03 -8.60 -8.22
CA ILE B 171 17.24 -9.44 -9.10
C ILE B 171 16.41 -8.61 -10.06
N ILE B 172 15.65 -7.67 -9.51
CA ILE B 172 14.97 -6.67 -10.30
C ILE B 172 15.97 -6.05 -11.26
N GLU B 173 17.05 -5.49 -10.77
CA GLU B 173 17.92 -4.73 -11.67
C GLU B 173 18.55 -5.53 -12.84
N GLN B 174 18.72 -6.84 -12.75
CA GLN B 174 19.40 -7.60 -13.82
C GLN B 174 18.44 -8.26 -14.80
N ALA B 175 17.14 -8.17 -14.48
CA ALA B 175 16.13 -9.10 -14.98
C ALA B 175 15.89 -8.67 -16.38
N LYS B 176 15.38 -9.57 -17.22
CA LYS B 176 15.02 -9.23 -18.60
C LYS B 176 13.69 -9.91 -18.99
N VAL B 177 13.03 -10.52 -18.00
CA VAL B 177 11.65 -11.01 -18.08
C VAL B 177 11.08 -10.49 -16.76
N PRO B 178 9.76 -10.45 -16.50
CA PRO B 178 9.26 -9.80 -15.29
C PRO B 178 9.51 -10.61 -14.02
N VAL B 179 9.87 -9.92 -12.92
CA VAL B 179 10.03 -10.48 -11.55
C VAL B 179 8.73 -10.35 -10.74
N ILE B 180 7.94 -11.40 -10.66
CA ILE B 180 6.81 -11.36 -9.75
C ILE B 180 7.29 -11.80 -8.34
N VAL B 181 7.15 -10.92 -7.33
CA VAL B 181 7.55 -11.33 -5.96
C VAL B 181 6.47 -12.26 -5.43
N ASP B 182 6.83 -13.49 -5.09
CA ASP B 182 5.83 -14.35 -4.47
C ASP B 182 6.33 -15.06 -3.27
N ALA B 183 5.44 -15.38 -2.34
CA ALA B 183 5.86 -16.01 -1.06
C ALA B 183 6.44 -15.03 -0.05
N GLY B 184 5.86 -15.01 1.17
CA GLY B 184 6.29 -14.18 2.29
C GLY B 184 5.27 -13.18 2.75
N ILE B 185 4.85 -12.32 1.82
CA ILE B 185 3.97 -11.18 2.05
C ILE B 185 2.95 -11.36 3.15
N GLY B 186 3.06 -10.48 4.17
CA GLY B 186 2.22 -10.48 5.36
C GLY B 186 1.17 -9.38 5.43
N SER B 187 1.59 -8.16 5.11
CA SER B 187 0.73 -6.96 5.14
C SER B 187 0.74 -6.40 3.75
N PRO B 188 -0.20 -5.52 3.44
CA PRO B 188 -0.07 -4.59 2.32
C PRO B 188 1.27 -3.87 2.32
N LYS B 189 1.70 -3.41 3.49
CA LYS B 189 3.07 -2.98 3.71
C LYS B 189 3.99 -3.64 2.67
N ASP B 190 4.07 -4.97 2.75
CA ASP B 190 4.99 -5.83 1.99
C ASP B 190 4.75 -5.88 0.49
N ALA B 191 3.54 -6.25 0.10
CA ALA B 191 3.07 -6.14 -1.28
C ALA B 191 3.49 -4.80 -1.91
N ALA B 192 3.04 -3.69 -1.33
CA ALA B 192 3.50 -2.34 -1.69
C ALA B 192 5.01 -2.26 -1.90
N TYR B 193 5.76 -2.56 -0.84
CA TYR B 193 7.22 -2.51 -0.89
C TYR B 193 7.82 -3.24 -2.12
N ALA B 194 7.44 -4.51 -2.34
CA ALA B 194 7.84 -5.26 -3.53
C ALA B 194 7.63 -4.41 -4.78
N MET B 195 6.45 -3.85 -4.92
CA MET B 195 6.20 -3.03 -6.07
C MET B 195 7.15 -1.88 -6.07
N GLU B 196 7.47 -1.31 -4.92
CA GLU B 196 8.24 -0.09 -4.96
C GLU B 196 9.75 -0.33 -5.26
N LEU B 197 10.20 -1.58 -5.26
CA LEU B 197 11.57 -1.90 -5.71
C LEU B 197 11.57 -2.27 -7.19
N GLY B 198 10.41 -2.10 -7.82
CA GLY B 198 10.20 -2.31 -9.23
C GLY B 198 9.96 -3.76 -9.51
N ALA B 199 9.27 -4.46 -8.62
CA ALA B 199 8.87 -5.81 -8.95
C ALA B 199 7.80 -5.66 -10.07
N ASP B 200 7.78 -6.63 -10.96
CA ASP B 200 6.92 -6.50 -12.08
C ASP B 200 5.47 -6.78 -11.63
N GLY B 201 5.30 -7.57 -10.56
CA GLY B 201 4.00 -7.95 -9.95
C GLY B 201 4.09 -8.71 -8.59
N VAL B 202 2.96 -8.97 -7.94
CA VAL B 202 3.01 -9.81 -6.72
C VAL B 202 2.02 -10.98 -6.69
N LEU B 203 2.53 -12.20 -6.39
CA LEU B 203 1.69 -13.37 -6.16
C LEU B 203 1.69 -13.58 -4.67
N LEU B 204 0.52 -13.85 -4.07
CA LEU B 204 0.40 -14.01 -2.59
C LEU B 204 -0.79 -14.88 -2.23
N ASN B 205 -0.64 -15.72 -1.23
CA ASN B 205 -1.76 -16.56 -0.85
C ASN B 205 -2.11 -16.41 0.62
N THR B 206 -1.18 -16.77 1.51
CA THR B 206 -1.55 -16.97 2.92
C THR B 206 -2.07 -15.71 3.55
N ALA B 207 -1.56 -14.54 3.15
CA ALA B 207 -1.90 -13.32 3.84
C ALA B 207 -3.35 -12.98 3.66
N VAL B 208 -3.99 -13.48 2.62
CA VAL B 208 -5.43 -13.32 2.41
C VAL B 208 -6.19 -14.53 2.92
N SER B 209 -5.77 -15.73 2.51
CA SER B 209 -6.21 -17.03 3.02
C SER B 209 -6.51 -16.98 4.48
N GLY B 210 -5.48 -16.60 5.23
CA GLY B 210 -5.46 -16.77 6.67
C GLY B 210 -5.70 -15.50 7.43
N ALA B 211 -5.99 -14.43 6.71
CA ALA B 211 -6.24 -13.14 7.35
C ALA B 211 -7.52 -13.09 8.14
N ASP B 212 -8.21 -14.22 8.29
CA ASP B 212 -9.41 -14.27 9.14
C ASP B 212 -10.55 -13.20 8.91
N ASP B 213 -10.22 -12.09 8.25
CA ASP B 213 -11.16 -11.51 7.27
C ASP B 213 -10.60 -11.36 5.81
N PRO B 214 -10.57 -12.47 5.07
CA PRO B 214 -9.93 -12.54 3.77
C PRO B 214 -10.43 -11.53 2.72
N VAL B 215 -11.74 -11.36 2.55
CA VAL B 215 -12.19 -10.35 1.60
C VAL B 215 -11.62 -8.94 1.88
N LYS B 216 -11.87 -8.43 3.09
CA LYS B 216 -11.38 -7.12 3.53
C LYS B 216 -9.92 -6.96 3.22
N MET B 217 -9.16 -8.03 3.40
CA MET B 217 -7.74 -8.02 3.13
C MET B 217 -7.47 -8.03 1.65
N ALA B 218 -8.32 -8.70 0.86
CA ALA B 218 -8.00 -8.89 -0.54
C ALA B 218 -8.04 -7.56 -1.23
N ARG B 219 -9.14 -6.84 -0.99
CA ARG B 219 -9.21 -5.41 -1.29
C ARG B 219 -7.90 -4.74 -0.86
N ALA B 220 -7.53 -4.93 0.40
CA ALA B 220 -6.37 -4.29 0.95
C ALA B 220 -5.10 -4.54 0.12
N MET B 221 -4.95 -5.74 -0.41
CA MET B 221 -3.74 -6.03 -1.18
C MET B 221 -3.83 -5.51 -2.61
N LYS B 222 -5.00 -5.69 -3.21
CA LYS B 222 -5.42 -4.99 -4.45
C LYS B 222 -4.92 -3.56 -4.50
N LEU B 223 -5.10 -2.85 -3.39
CA LEU B 223 -4.70 -1.45 -3.31
C LEU B 223 -3.22 -1.27 -3.00
N ALA B 224 -2.68 -2.11 -2.13
CA ALA B 224 -1.26 -1.95 -1.79
C ALA B 224 -0.44 -2.10 -3.06
N VAL B 225 -0.84 -3.00 -3.96
CA VAL B 225 -0.08 -3.26 -5.19
C VAL B 225 -0.12 -2.05 -6.11
N GLU B 226 -1.33 -1.55 -6.34
CA GLU B 226 -1.59 -0.33 -7.09
C GLU B 226 -0.77 0.81 -6.48
N ALA B 227 -0.80 0.89 -5.15
CA ALA B 227 -0.12 1.94 -4.44
C ALA B 227 1.37 1.91 -4.68
N GLY B 228 1.93 0.72 -4.61
CA GLY B 228 3.36 0.56 -4.80
C GLY B 228 3.72 0.92 -6.21
N ARG B 229 2.97 0.37 -7.18
CA ARG B 229 3.37 0.46 -8.58
C ARG B 229 3.37 1.90 -8.95
N LEU B 230 2.46 2.66 -8.35
CA LEU B 230 2.27 4.04 -8.73
C LEU B 230 3.41 4.89 -8.17
N SER B 231 3.77 4.65 -6.92
CA SER B 231 4.85 5.38 -6.29
C SER B 231 6.16 4.78 -6.68
N TYR B 232 6.14 4.06 -7.79
CA TYR B 232 7.34 3.50 -8.37
C TYR B 232 7.58 4.26 -9.67
N GLU B 233 6.50 4.46 -10.41
CA GLU B 233 6.59 5.18 -11.66
C GLU B 233 6.79 6.64 -11.29
N ALA B 234 6.27 7.06 -10.13
CA ALA B 234 6.24 8.50 -9.83
C ALA B 234 7.62 9.02 -9.65
N GLY B 235 8.54 8.15 -9.26
CA GLY B 235 9.85 8.53 -8.72
C GLY B 235 9.58 9.12 -7.34
N ARG B 236 10.48 8.90 -6.39
CA ARG B 236 10.22 9.36 -5.02
C ARG B 236 11.48 9.90 -4.38
N ILE B 237 11.27 10.94 -3.57
CA ILE B 237 12.28 11.48 -2.65
C ILE B 237 13.26 10.46 -2.05
N PRO B 238 14.56 10.74 -2.11
CA PRO B 238 15.55 9.86 -1.50
C PRO B 238 15.44 9.87 0.02
N LEU B 239 16.31 9.10 0.66
CA LEU B 239 16.48 9.11 2.12
C LEU B 239 17.63 10.05 2.47
N LYS B 240 17.34 11.15 3.17
CA LYS B 240 18.44 12.01 3.59
C LYS B 240 19.21 11.34 4.74
N GLN B 241 20.54 11.35 4.63
CA GLN B 241 21.43 10.87 5.67
C GLN B 241 21.91 12.10 6.44
N TYR B 242 22.80 11.93 7.43
CA TYR B 242 23.28 13.07 8.24
C TYR B 242 24.75 12.89 8.76
N MET C 1 -15.60 6.81 11.44
CA MET C 1 -14.54 7.57 10.66
C MET C 1 -13.47 8.25 11.55
N LEU C 2 -12.40 8.78 10.92
CA LEU C 2 -11.46 9.68 11.63
C LEU C 2 -12.21 10.93 12.14
N THR C 3 -12.20 11.11 13.46
CA THR C 3 -12.91 12.26 13.99
C THR C 3 -12.15 13.03 15.08
N ILE C 4 -11.84 14.27 14.73
CA ILE C 4 -10.97 15.17 15.47
C ILE C 4 -11.71 16.38 15.98
N GLY C 5 -11.78 16.52 17.29
CA GLY C 5 -12.49 17.64 17.88
C GLY C 5 -13.96 17.65 17.49
N GLY C 6 -14.54 16.47 17.34
CA GLY C 6 -15.97 16.33 17.14
C GLY C 6 -16.54 16.51 15.74
N LYS C 7 -15.66 16.75 14.76
CA LYS C 7 -16.07 16.73 13.35
C LYS C 7 -15.33 15.58 12.71
N SER C 8 -15.97 14.94 11.74
CA SER C 8 -15.35 13.77 11.08
C SER C 8 -14.94 14.01 9.62
N PHE C 9 -14.00 13.19 9.16
CA PHE C 9 -13.51 13.27 7.79
C PHE C 9 -13.36 11.89 7.25
N GLN C 10 -13.94 11.65 6.08
CA GLN C 10 -13.84 10.31 5.51
C GLN C 10 -12.46 9.89 4.96
N SER C 11 -11.56 10.85 4.76
CA SER C 11 -10.21 10.53 4.36
C SER C 11 -9.26 10.61 5.54
N ARG C 12 -8.61 9.49 5.82
CA ARG C 12 -7.63 9.43 6.89
C ARG C 12 -6.28 9.93 6.39
N LEU C 13 -6.21 10.39 5.14
CA LEU C 13 -5.04 11.07 4.62
C LEU C 13 -5.11 12.61 4.81
N LEU C 14 -4.09 13.17 5.47
CA LEU C 14 -3.96 14.63 5.53
C LEU C 14 -2.76 14.98 4.68
N LEU C 15 -2.90 15.93 3.76
CA LEU C 15 -1.80 16.24 2.86
C LEU C 15 -1.35 17.67 3.02
N GLY C 16 -0.03 17.89 2.99
CA GLY C 16 0.52 19.24 3.10
C GLY C 16 0.59 19.93 1.76
N THR C 17 0.99 21.20 1.77
CA THR C 17 0.95 22.04 0.58
C THR C 17 2.29 22.68 0.23
N GLY C 18 3.29 22.38 1.03
CA GLY C 18 4.61 22.96 0.85
C GLY C 18 5.44 22.36 -0.27
N LYS C 19 6.14 23.23 -0.99
CA LYS C 19 7.25 22.89 -1.88
C LYS C 19 6.92 21.96 -3.03
N TYR C 20 5.87 22.28 -3.78
CA TYR C 20 5.54 21.56 -5.03
C TYR C 20 6.28 22.20 -6.19
N PRO C 21 6.37 21.55 -7.36
CA PRO C 21 7.16 22.08 -8.48
C PRO C 21 6.46 23.20 -9.22
N SER C 22 5.13 23.28 -9.06
CA SER C 22 4.26 24.24 -9.75
C SER C 22 2.85 24.20 -9.14
N PHE C 23 2.12 25.32 -9.21
CA PHE C 23 0.72 25.40 -8.74
C PHE C 23 -0.19 24.45 -9.51
N ASP C 24 0.05 24.37 -10.82
CA ASP C 24 -0.68 23.48 -11.73
C ASP C 24 -0.65 22.05 -11.27
N ILE C 25 0.40 21.70 -10.52
CA ILE C 25 0.64 20.35 -10.03
C ILE C 25 0.12 20.19 -8.61
N GLN C 26 0.39 21.18 -7.77
CA GLN C 26 -0.12 21.22 -6.42
C GLN C 26 -1.63 21.12 -6.41
N LYS C 27 -2.26 21.95 -7.25
CA LYS C 27 -3.70 21.96 -7.50
C LYS C 27 -4.19 20.56 -7.85
N GLU C 28 -3.49 19.89 -8.75
CA GLU C 28 -3.94 18.58 -9.24
C GLU C 28 -3.69 17.48 -8.24
N ALA C 29 -2.50 17.47 -7.64
CA ALA C 29 -2.12 16.49 -6.62
C ALA C 29 -3.12 16.51 -5.46
N VAL C 30 -3.57 17.70 -5.09
CA VAL C 30 -4.50 17.88 -3.98
C VAL C 30 -5.88 17.24 -4.27
N ALA C 31 -6.32 17.31 -5.50
CA ALA C 31 -7.61 16.72 -5.83
C ALA C 31 -7.48 15.21 -5.85
N VAL C 32 -6.46 14.77 -6.55
CA VAL C 32 -6.20 13.38 -6.78
C VAL C 32 -6.01 12.68 -5.44
N SER C 33 -5.56 13.43 -4.44
CA SER C 33 -5.37 12.94 -3.08
C SER C 33 -6.65 12.48 -2.40
N GLU C 34 -7.73 13.19 -2.71
CA GLU C 34 -9.00 13.04 -2.00
C GLU C 34 -8.81 13.32 -0.51
N SER C 35 -8.24 14.48 -0.17
CA SER C 35 -7.73 14.64 1.19
C SER C 35 -8.66 15.12 2.31
N ASP C 36 -9.48 16.15 2.07
CA ASP C 36 -10.07 17.00 3.14
C ASP C 36 -9.15 17.17 4.37
N ILE C 37 -8.75 18.39 4.68
CA ILE C 37 -7.60 18.62 5.60
C ILE C 37 -6.37 18.81 4.75
N LEU C 38 -5.83 20.02 4.77
CA LEU C 38 -4.55 20.37 4.19
C LEU C 38 -3.92 21.37 5.14
N THR C 39 -2.61 21.23 5.35
CA THR C 39 -1.91 22.14 6.25
C THR C 39 -1.34 23.31 5.47
N PHE C 40 -1.40 24.49 6.08
CA PHE C 40 -0.77 25.67 5.48
C PHE C 40 0.14 26.28 6.48
N ALA C 41 1.03 27.13 5.99
CA ALA C 41 1.98 27.83 6.85
C ALA C 41 1.65 29.33 7.05
N PHE C 48 4.30 44.33 -1.36
CA PHE C 48 5.77 44.92 -1.67
C PHE C 48 6.53 44.14 -2.77
N GLU C 49 6.16 42.84 -2.95
CA GLU C 49 6.93 41.88 -3.79
C GLU C 49 6.69 41.96 -5.33
N ALA C 50 5.54 41.47 -5.79
CA ALA C 50 5.15 41.41 -7.22
C ALA C 50 4.09 40.30 -7.46
N SER C 51 3.16 40.57 -8.37
CA SER C 51 1.98 39.72 -8.58
C SER C 51 2.29 38.26 -8.98
N GLN C 52 1.55 37.34 -8.36
CA GLN C 52 1.62 35.89 -8.57
C GLN C 52 0.35 35.30 -7.96
N PRO C 53 -0.09 34.10 -8.38
CA PRO C 53 -1.25 33.46 -7.74
C PRO C 53 -0.95 32.96 -6.33
N ASN C 54 -1.92 33.03 -5.42
CA ASN C 54 -1.83 32.28 -4.15
C ASN C 54 -2.85 31.16 -4.15
N PHE C 55 -2.37 29.93 -3.94
CA PHE C 55 -3.20 28.74 -4.10
C PHE C 55 -4.48 28.71 -3.23
N LEU C 56 -4.37 29.14 -1.98
CA LEU C 56 -5.52 29.11 -1.08
C LEU C 56 -6.70 30.01 -1.56
N GLU C 57 -6.39 31.12 -2.22
CA GLU C 57 -7.46 31.98 -2.72
C GLU C 57 -7.89 31.65 -4.17
N GLN C 58 -7.25 30.64 -4.78
CA GLN C 58 -7.84 29.93 -5.93
C GLN C 58 -8.60 28.62 -5.49
N LEU C 59 -9.10 28.58 -4.23
CA LEU C 59 -9.67 27.33 -3.63
C LEU C 59 -10.98 27.48 -2.77
N ASP C 60 -12.03 26.72 -3.19
CA ASP C 60 -13.28 26.52 -2.38
C ASP C 60 -12.96 26.01 -0.97
N LEU C 61 -13.57 26.72 0.04
CA LEU C 61 -13.17 26.56 1.45
C LEU C 61 -14.17 25.77 2.33
N SER C 62 -15.33 25.41 1.66
CA SER C 62 -16.31 24.49 2.27
C SER C 62 -15.73 23.07 2.39
N LYS C 63 -15.42 22.46 1.24
CA LYS C 63 -15.00 21.05 1.10
C LYS C 63 -13.69 20.58 1.81
N TYR C 64 -12.85 21.53 2.22
CA TYR C 64 -11.61 21.19 2.93
C TYR C 64 -11.73 21.50 4.42
N THR C 65 -10.76 20.99 5.25
CA THR C 65 -10.65 21.41 6.67
C THR C 65 -9.20 21.84 6.97
N LEU C 66 -8.94 23.16 6.86
CA LEU C 66 -7.62 23.80 7.05
C LEU C 66 -6.87 23.42 8.33
N LEU C 67 -5.59 23.11 8.18
CA LEU C 67 -4.75 22.78 9.31
C LEU C 67 -3.53 23.70 9.33
N PRO C 68 -3.69 24.91 9.85
CA PRO C 68 -2.53 25.79 10.04
C PRO C 68 -1.49 25.15 10.98
N ASN C 69 -0.23 25.55 10.75
CA ASN C 69 0.85 25.17 11.65
C ASN C 69 1.65 26.40 12.07
N THR C 70 2.46 26.20 13.10
CA THR C 70 3.20 27.28 13.70
C THR C 70 4.62 27.32 13.12
N ALA C 71 4.70 26.99 11.82
CA ALA C 71 5.97 26.67 11.14
C ALA C 71 6.86 27.87 10.88
N GLY C 72 7.85 28.03 11.78
CA GLY C 72 8.78 29.14 11.76
C GLY C 72 9.11 29.67 13.15
N ALA C 73 8.37 29.16 14.14
CA ALA C 73 8.59 29.52 15.53
C ALA C 73 9.67 28.66 16.18
N SER C 74 10.40 29.26 17.12
CA SER C 74 11.32 28.52 17.99
C SER C 74 10.76 28.50 19.40
N THR C 75 10.19 29.64 19.79
CA THR C 75 9.50 29.80 21.07
C THR C 75 8.02 29.41 20.94
N ALA C 76 7.47 28.85 22.02
CA ALA C 76 6.03 28.65 22.16
C ALA C 76 5.37 30.04 22.16
N GLU C 77 6.17 31.05 22.53
CA GLU C 77 5.79 32.43 22.30
C GLU C 77 5.56 32.60 20.79
N GLU C 78 6.65 32.62 20.02
CA GLU C 78 6.60 32.84 18.57
C GLU C 78 5.51 32.00 17.92
N ALA C 79 5.28 30.83 18.50
CA ALA C 79 4.27 29.88 18.06
C ALA C 79 2.85 30.36 18.39
N VAL C 80 2.66 30.84 19.62
CA VAL C 80 1.34 31.27 20.07
C VAL C 80 0.75 32.32 19.11
N ARG C 81 1.62 33.23 18.64
CA ARG C 81 1.23 34.23 17.63
C ARG C 81 0.73 33.59 16.30
N ILE C 82 1.60 32.91 15.57
CA ILE C 82 1.17 32.22 14.34
C ILE C 82 -0.18 31.47 14.50
N ALA C 83 -0.52 31.15 15.75
CA ALA C 83 -1.77 30.48 16.07
C ALA C 83 -2.92 31.48 16.14
N ARG C 84 -2.74 32.57 16.91
CA ARG C 84 -3.75 33.63 17.03
C ARG C 84 -3.79 34.49 15.76
N LEU C 85 -2.62 34.55 15.07
CA LEU C 85 -2.52 35.16 13.75
C LEU C 85 -3.39 34.40 12.76
N ALA C 86 -3.55 33.10 13.03
CA ALA C 86 -4.40 32.26 12.20
C ALA C 86 -5.88 32.70 12.30
N LYS C 87 -6.40 32.69 13.54
CA LYS C 87 -7.82 32.93 13.76
C LYS C 87 -8.23 34.35 13.36
N ALA C 88 -7.26 35.25 13.20
CA ALA C 88 -7.50 36.62 12.72
C ALA C 88 -8.03 36.65 11.27
N SER C 89 -7.57 35.69 10.48
CA SER C 89 -8.08 35.46 9.13
C SER C 89 -9.53 34.96 9.17
N GLY C 90 -9.87 34.25 10.24
CA GLY C 90 -11.20 33.70 10.43
C GLY C 90 -11.61 32.80 9.28
N LEU C 91 -10.80 31.77 9.04
CA LEU C 91 -11.09 30.77 8.01
C LEU C 91 -10.84 29.39 8.61
N CYS C 92 -10.08 29.39 9.70
CA CYS C 92 -9.63 28.18 10.36
C CYS C 92 -10.12 28.10 11.81
N ASP C 93 -10.07 26.88 12.35
CA ASP C 93 -10.64 26.52 13.64
C ASP C 93 -10.07 25.10 13.94
N MET C 94 -8.74 25.04 13.96
CA MET C 94 -7.93 23.83 14.11
C MET C 94 -6.47 24.26 13.95
N ILE C 95 -5.61 23.87 14.95
CA ILE C 95 -4.13 24.09 14.87
C ILE C 95 -3.23 22.81 14.91
N LYS C 96 -2.11 22.94 14.13
CA LYS C 96 -1.01 22.00 14.26
C LYS C 96 0.09 22.66 15.05
N VAL C 97 0.47 22.02 16.17
CA VAL C 97 1.56 22.53 17.04
C VAL C 97 2.92 21.95 16.61
N GLU C 98 3.83 22.84 16.24
CA GLU C 98 5.08 22.45 15.62
C GLU C 98 6.22 23.31 16.14
N VAL C 99 7.02 22.76 17.04
CA VAL C 99 8.17 23.51 17.54
C VAL C 99 9.49 22.91 17.05
N ILE C 100 9.94 23.35 15.88
CA ILE C 100 11.25 22.98 15.37
C ILE C 100 12.30 23.58 16.31
N GLY C 101 13.24 22.75 16.75
CA GLY C 101 14.26 23.18 17.67
C GLY C 101 15.67 22.82 17.23
N CYS C 102 15.79 21.82 16.36
CA CYS C 102 17.08 21.34 15.89
C CYS C 102 17.31 21.72 14.43
N SER C 103 18.28 22.61 14.23
CA SER C 103 18.72 23.04 12.89
C SER C 103 18.99 21.86 11.94
N ARG C 104 19.46 20.76 12.51
CA ARG C 104 19.94 19.59 11.76
C ARG C 104 18.83 18.57 11.45
N SER C 105 17.89 18.39 12.37
CA SER C 105 16.85 17.37 12.17
C SER C 105 15.43 17.94 11.99
N LEU C 106 15.13 19.06 12.64
CA LEU C 106 13.81 19.73 12.57
C LEU C 106 12.75 19.01 13.44
N LEU C 107 13.26 18.47 14.57
CA LEU C 107 12.47 17.62 15.45
C LEU C 107 11.83 18.45 16.55
N PRO C 108 10.64 18.05 17.00
CA PRO C 108 9.91 18.76 18.06
C PRO C 108 10.65 19.01 19.38
N ASP C 109 10.42 20.19 19.93
CA ASP C 109 10.94 20.61 21.21
C ASP C 109 9.96 20.26 22.34
N PRO C 110 10.28 19.23 23.15
CA PRO C 110 9.33 18.68 24.11
C PRO C 110 8.75 19.70 25.08
N VAL C 111 9.55 20.69 25.49
CA VAL C 111 9.08 21.64 26.51
C VAL C 111 8.16 22.71 25.94
N GLU C 112 8.55 23.32 24.82
CA GLU C 112 7.73 24.34 24.16
C GLU C 112 6.50 23.73 23.48
N THR C 113 6.67 22.66 22.71
CA THR C 113 5.53 21.94 22.14
C THR C 113 4.47 21.60 23.19
N LEU C 114 4.88 21.12 24.37
CA LEU C 114 3.95 20.90 25.48
C LEU C 114 3.39 22.22 26.05
N LYS C 115 4.28 23.11 26.50
CA LYS C 115 3.88 24.41 27.05
C LYS C 115 2.93 25.15 26.12
N ALA C 116 3.31 25.29 24.85
CA ALA C 116 2.47 25.95 23.85
C ALA C 116 1.13 25.27 23.69
N SER C 117 1.10 23.95 23.84
CA SER C 117 -0.15 23.20 23.66
C SER C 117 -1.18 23.53 24.76
N GLU C 118 -0.67 23.85 25.95
CA GLU C 118 -1.52 24.20 27.08
C GLU C 118 -2.26 25.53 26.86
N GLN C 119 -1.52 26.59 26.54
CA GLN C 119 -2.08 27.94 26.42
C GLN C 119 -2.86 28.21 25.12
N LEU C 120 -2.72 27.32 24.13
CA LEU C 120 -3.58 27.44 22.94
C LEU C 120 -4.95 26.80 23.24
N LEU C 121 -4.85 25.75 24.09
CA LEU C 121 -6.03 25.01 24.52
C LEU C 121 -6.96 25.80 25.45
N GLU C 122 -6.46 26.86 26.09
CA GLU C 122 -7.31 27.71 26.92
C GLU C 122 -8.31 28.48 26.06
N GLU C 123 -7.76 29.36 25.21
CA GLU C 123 -8.56 30.08 24.22
C GLU C 123 -9.06 29.07 23.14
N GLY C 124 -10.14 28.37 23.51
CA GLY C 124 -10.84 27.37 22.69
C GLY C 124 -10.31 26.92 21.34
N PHE C 125 -9.03 26.58 21.26
CA PHE C 125 -8.40 26.13 20.01
C PHE C 125 -8.60 24.64 19.84
N ILE C 126 -8.63 24.16 18.58
CA ILE C 126 -8.47 22.72 18.33
C ILE C 126 -7.01 22.44 18.04
N VAL C 127 -6.40 21.67 18.94
CA VAL C 127 -4.96 21.47 18.95
C VAL C 127 -4.64 20.04 18.54
N LEU C 128 -3.72 19.91 17.59
CA LEU C 128 -2.99 18.67 17.37
C LEU C 128 -1.49 18.94 17.14
N PRO C 129 -0.69 18.70 18.19
CA PRO C 129 0.76 18.91 18.16
C PRO C 129 1.58 17.91 17.33
N TYR C 130 2.78 18.34 16.92
CA TYR C 130 3.81 17.45 16.35
C TYR C 130 4.72 17.03 17.50
N THR C 131 4.80 15.73 17.76
CA THR C 131 5.67 15.22 18.83
C THR C 131 6.65 14.15 18.34
N SER C 132 7.21 13.38 19.26
CA SER C 132 8.31 12.50 18.94
C SER C 132 7.87 11.07 18.70
N ASP C 133 7.77 10.34 19.81
CA ASP C 133 7.61 8.88 19.89
C ASP C 133 8.10 8.47 21.27
N ASP C 134 8.43 9.45 22.10
CA ASP C 134 8.50 9.24 23.52
C ASP C 134 7.07 8.79 23.83
N VAL C 135 6.89 7.49 23.98
CA VAL C 135 5.62 6.93 24.42
C VAL C 135 4.91 7.86 25.42
N VAL C 136 5.60 8.28 26.49
CA VAL C 136 5.00 9.15 27.50
C VAL C 136 4.65 10.54 26.94
N LEU C 137 5.59 11.18 26.24
CA LEU C 137 5.35 12.55 25.72
C LEU C 137 4.05 12.63 24.92
N ALA C 138 3.68 11.53 24.25
CA ALA C 138 2.33 11.44 23.69
C ALA C 138 1.32 11.67 24.82
N ARG C 139 1.28 10.74 25.75
CA ARG C 139 0.35 10.75 26.87
C ARG C 139 0.28 12.15 27.48
N LYS C 140 1.42 12.65 27.98
CA LYS C 140 1.49 13.96 28.62
C LYS C 140 0.73 15.06 27.87
N LEU C 141 1.02 15.23 26.58
CA LEU C 141 0.32 16.19 25.72
C LEU C 141 -1.20 15.98 25.76
N GLU C 142 -1.59 14.70 25.60
CA GLU C 142 -3.00 14.30 25.56
C GLU C 142 -3.69 14.40 26.92
N GLU C 143 -2.91 14.17 27.98
CA GLU C 143 -3.37 14.25 29.36
C GLU C 143 -3.83 15.66 29.78
N LEU C 144 -3.58 16.65 28.90
CA LEU C 144 -4.11 18.00 29.09
C LEU C 144 -5.00 18.43 27.90
N GLY C 145 -6.09 17.60 27.69
CA GLY C 145 -7.16 17.89 26.73
C GLY C 145 -6.91 17.96 25.22
N VAL C 146 -5.87 17.27 24.73
CA VAL C 146 -5.53 17.35 23.30
C VAL C 146 -6.34 16.34 22.45
N HIS C 147 -6.98 16.83 21.39
CA HIS C 147 -8.01 16.07 20.67
C HIS C 147 -7.46 15.30 19.48
N ALA C 148 -6.14 15.06 19.50
CA ALA C 148 -5.41 14.27 18.48
C ALA C 148 -3.91 14.45 18.67
N ILE C 149 -3.20 13.34 18.78
CA ILE C 149 -1.74 13.34 19.03
C ILE C 149 -0.95 12.97 17.76
N MET C 150 0.05 13.78 17.43
CA MET C 150 0.70 13.68 16.10
C MET C 150 2.20 13.34 16.17
N PRO C 151 2.54 12.08 16.48
CA PRO C 151 3.95 11.66 16.57
C PRO C 151 4.61 11.51 15.21
N GLY C 152 5.92 11.76 15.17
CA GLY C 152 6.67 11.72 13.93
C GLY C 152 7.48 10.45 13.71
N ALA C 153 7.17 9.74 12.64
CA ALA C 153 7.82 8.47 12.32
C ALA C 153 9.35 8.52 12.08
N SER C 154 9.81 9.50 11.30
CA SER C 154 11.23 9.85 11.13
C SER C 154 11.36 11.36 11.39
N PRO C 155 12.58 11.92 11.29
CA PRO C 155 12.73 13.35 10.97
C PRO C 155 11.99 13.80 9.68
N ILE C 156 11.82 15.11 9.55
CA ILE C 156 10.94 15.74 8.56
C ILE C 156 11.35 15.54 7.11
N GLY C 157 12.41 16.20 6.65
CA GLY C 157 12.69 16.20 5.21
C GLY C 157 13.04 14.89 4.49
N SER C 158 13.29 13.82 5.26
CA SER C 158 13.90 12.58 4.78
C SER C 158 13.04 11.44 5.13
N GLY C 159 12.67 10.71 4.08
CA GLY C 159 11.59 9.73 4.06
C GLY C 159 12.06 8.36 4.46
N GLN C 160 12.16 8.19 5.76
CA GLN C 160 12.82 7.04 6.35
C GLN C 160 11.76 6.15 7.01
N GLY C 161 10.52 6.61 6.94
CA GLY C 161 9.40 5.82 7.40
C GLY C 161 9.37 5.65 8.89
N ILE C 162 8.66 4.65 9.34
CA ILE C 162 8.57 4.40 10.74
C ILE C 162 9.89 3.79 11.20
N LEU C 163 10.79 4.63 11.71
CA LEU C 163 12.11 4.20 12.19
C LEU C 163 12.00 3.43 13.50
N ASN C 164 10.84 3.56 14.14
CA ASN C 164 10.53 2.82 15.34
C ASN C 164 9.02 2.62 15.35
N PRO C 165 8.57 1.40 15.04
CA PRO C 165 7.23 0.94 15.45
C PRO C 165 7.20 0.91 16.97
N LEU C 166 7.22 -0.29 17.58
CA LEU C 166 7.13 -0.43 19.04
C LEU C 166 6.73 0.86 19.79
N ASN C 167 7.68 1.81 19.94
CA ASN C 167 7.42 3.16 20.48
C ASN C 167 6.11 3.79 20.03
N LEU C 168 5.84 3.74 18.72
CA LEU C 168 4.63 4.32 18.18
C LEU C 168 3.50 3.29 18.27
N SER C 169 3.85 2.02 18.17
CA SER C 169 2.86 0.97 18.41
C SER C 169 2.28 1.04 19.82
N PHE C 170 3.06 1.59 20.76
CA PHE C 170 2.65 1.83 22.16
C PHE C 170 1.65 2.99 22.18
N ILE C 171 2.09 4.13 21.64
CA ILE C 171 1.29 5.34 21.47
C ILE C 171 -0.16 4.96 21.12
N ILE C 172 -0.30 4.17 20.05
CA ILE C 172 -1.58 3.65 19.65
C ILE C 172 -2.34 2.99 20.80
N GLU C 173 -1.74 2.02 21.47
CA GLU C 173 -2.44 1.26 22.51
C GLU C 173 -2.95 2.10 23.68
N GLN C 174 -2.21 3.15 24.01
CA GLN C 174 -2.45 3.91 25.24
C GLN C 174 -3.36 5.12 25.12
N ALA C 175 -3.53 5.63 23.90
CA ALA C 175 -4.27 6.89 23.71
C ALA C 175 -5.78 6.75 23.40
N LYS C 176 -6.53 7.80 23.73
CA LYS C 176 -7.99 7.76 23.70
C LYS C 176 -8.56 8.71 22.63
N VAL C 177 -7.75 9.68 22.24
CA VAL C 177 -8.04 10.53 21.08
C VAL C 177 -7.40 9.90 19.81
N PRO C 178 -7.50 10.55 18.65
CA PRO C 178 -6.88 9.97 17.44
C PRO C 178 -5.39 10.21 17.38
N VAL C 179 -4.70 9.30 16.69
CA VAL C 179 -3.26 9.38 16.45
C VAL C 179 -3.01 9.50 14.96
N ILE C 180 -2.21 10.50 14.59
CA ILE C 180 -1.82 10.69 13.21
C ILE C 180 -0.31 10.82 13.14
N VAL C 181 0.30 9.89 12.42
CA VAL C 181 1.70 9.95 12.11
C VAL C 181 1.90 11.08 11.10
N ASP C 182 2.79 12.02 11.41
CA ASP C 182 3.37 12.89 10.39
C ASP C 182 4.89 12.82 10.44
N ALA C 183 5.56 13.75 9.77
CA ALA C 183 7.02 13.74 9.62
C ALA C 183 7.62 12.47 8.99
N GLY C 184 8.21 12.64 7.81
CA GLY C 184 9.14 11.68 7.22
C GLY C 184 8.69 10.40 6.53
N ILE C 185 7.44 10.32 6.09
CA ILE C 185 6.95 9.18 5.29
C ILE C 185 7.61 9.27 3.91
N GLY C 186 7.92 8.16 3.29
CA GLY C 186 8.64 8.23 2.02
C GLY C 186 7.88 7.67 0.85
N SER C 187 7.10 6.60 1.07
CA SER C 187 6.26 5.96 0.04
C SER C 187 5.04 5.28 0.69
N PRO C 188 4.10 4.80 -0.12
CA PRO C 188 2.92 4.13 0.41
C PRO C 188 3.31 3.08 1.44
N LYS C 189 4.31 2.29 1.07
CA LYS C 189 4.88 1.28 1.94
C LYS C 189 4.89 1.77 3.39
N ASP C 190 5.26 3.05 3.58
CA ASP C 190 5.41 3.70 4.89
C ASP C 190 4.10 4.23 5.42
N ALA C 191 3.35 4.89 4.55
CA ALA C 191 1.99 5.36 4.83
C ALA C 191 1.14 4.21 5.39
N ALA C 192 1.12 3.09 4.65
CA ALA C 192 0.31 1.92 4.99
C ALA C 192 0.76 1.20 6.26
N TYR C 193 2.06 1.28 6.57
CA TYR C 193 2.59 0.64 7.78
C TYR C 193 2.05 1.30 9.02
N ALA C 194 1.91 2.61 8.95
CA ALA C 194 1.38 3.38 10.06
C ALA C 194 0.02 2.82 10.44
N MET C 195 -0.90 2.83 9.48
CA MET C 195 -2.28 2.45 9.75
C MET C 195 -2.39 1.04 10.37
N GLU C 196 -1.59 0.10 9.84
CA GLU C 196 -1.57 -1.28 10.35
C GLU C 196 -1.31 -1.45 11.85
N LEU C 197 -0.58 -0.54 12.48
CA LEU C 197 -0.39 -0.67 13.92
C LEU C 197 -1.50 0.05 14.70
N GLY C 198 -2.43 0.66 13.95
CA GLY C 198 -3.64 1.21 14.51
C GLY C 198 -3.80 2.72 14.36
N ALA C 199 -2.98 3.35 13.51
CA ALA C 199 -3.09 4.78 13.24
C ALA C 199 -4.44 5.15 12.64
N ASP C 200 -4.85 6.38 12.93
CA ASP C 200 -6.14 6.86 12.49
C ASP C 200 -5.93 7.68 11.24
N GLY C 201 -4.69 7.99 10.95
CA GLY C 201 -4.40 8.79 9.78
C GLY C 201 -2.95 9.10 9.60
N VAL C 202 -2.59 9.53 8.40
CA VAL C 202 -1.23 9.94 8.09
C VAL C 202 -1.23 11.35 7.48
N LEU C 203 -0.42 12.24 8.05
CA LEU C 203 -0.17 13.55 7.46
C LEU C 203 1.19 13.48 6.79
N LEU C 204 1.29 14.00 5.56
CA LEU C 204 2.55 13.92 4.81
C LEU C 204 2.70 14.99 3.73
N ASN C 205 3.86 15.64 3.68
CA ASN C 205 4.15 16.54 2.56
C ASN C 205 5.22 16.01 1.60
N THR C 206 6.44 15.80 2.10
CA THR C 206 7.61 15.73 1.24
C THR C 206 7.54 14.65 0.18
N ALA C 207 7.11 13.47 0.60
CA ALA C 207 6.94 12.38 -0.35
C ALA C 207 6.17 12.85 -1.61
N VAL C 208 5.05 13.54 -1.43
CA VAL C 208 4.26 13.93 -2.59
C VAL C 208 4.87 15.09 -3.36
N SER C 209 5.11 16.20 -2.69
CA SER C 209 5.63 17.40 -3.32
C SER C 209 6.92 17.17 -4.10
N GLY C 210 7.79 16.32 -3.55
CA GLY C 210 9.15 16.18 -4.03
C GLY C 210 9.31 15.04 -4.99
N ALA C 211 8.19 14.38 -5.27
CA ALA C 211 8.12 13.13 -6.02
C ALA C 211 8.67 13.11 -7.44
N ASP C 212 8.53 14.22 -8.15
CA ASP C 212 8.80 14.31 -9.59
C ASP C 212 7.72 13.66 -10.43
N ASP C 213 6.72 13.12 -9.74
CA ASP C 213 5.36 12.95 -10.27
C ASP C 213 4.41 13.02 -9.07
N PRO C 214 4.24 14.22 -8.52
CA PRO C 214 3.52 14.40 -7.26
C PRO C 214 2.09 14.02 -7.48
N VAL C 215 1.63 14.25 -8.71
CA VAL C 215 0.31 13.86 -9.19
C VAL C 215 0.03 12.37 -8.99
N LYS C 216 0.90 11.52 -9.54
CA LYS C 216 0.85 10.06 -9.38
C LYS C 216 1.01 9.70 -7.93
N MET C 217 2.10 10.18 -7.34
CA MET C 217 2.45 9.84 -5.99
C MET C 217 1.34 10.24 -5.04
N ALA C 218 0.61 11.30 -5.38
CA ALA C 218 -0.58 11.68 -4.61
C ALA C 218 -1.58 10.53 -4.60
N ARG C 219 -1.90 10.03 -5.79
CA ARG C 219 -2.87 8.93 -5.91
C ARG C 219 -2.40 7.71 -5.12
N ALA C 220 -1.12 7.37 -5.25
CA ALA C 220 -0.53 6.21 -4.60
C ALA C 220 -0.65 6.23 -3.08
N MET C 221 -0.38 7.39 -2.48
CA MET C 221 -0.53 7.60 -1.03
C MET C 221 -1.99 7.43 -0.65
N LYS C 222 -2.87 7.90 -1.53
CA LYS C 222 -4.32 7.89 -1.31
C LYS C 222 -4.81 6.46 -1.18
N LEU C 223 -4.22 5.56 -1.97
CA LEU C 223 -4.52 4.13 -1.91
C LEU C 223 -3.91 3.51 -0.67
N ALA C 224 -2.64 3.80 -0.46
CA ALA C 224 -1.84 3.24 0.61
C ALA C 224 -2.48 3.28 1.97
N VAL C 225 -2.94 4.49 2.34
CA VAL C 225 -3.58 4.72 3.64
C VAL C 225 -4.80 3.80 3.75
N GLU C 226 -5.62 3.77 2.69
CA GLU C 226 -6.79 2.89 2.67
C GLU C 226 -6.34 1.43 2.93
N ALA C 227 -5.45 0.93 2.07
CA ALA C 227 -5.00 -0.46 2.10
C ALA C 227 -4.60 -0.75 3.52
N GLY C 228 -3.61 -0.01 4.00
CA GLY C 228 -3.14 -0.12 5.36
C GLY C 228 -4.29 -0.22 6.34
N ARG C 229 -5.23 0.73 6.27
CA ARG C 229 -6.35 0.78 7.22
C ARG C 229 -7.23 -0.45 7.08
N LEU C 230 -7.29 -1.05 5.89
CA LEU C 230 -8.14 -2.20 5.72
C LEU C 230 -7.56 -3.45 6.36
N SER C 231 -6.25 -3.65 6.23
CA SER C 231 -5.57 -4.78 6.92
C SER C 231 -6.00 -4.80 8.38
N TYR C 232 -5.46 -3.85 9.15
CA TYR C 232 -5.92 -3.63 10.51
C TYR C 232 -7.43 -3.81 10.62
N GLU C 233 -8.18 -3.29 9.64
CA GLU C 233 -9.63 -3.31 9.73
C GLU C 233 -10.05 -4.70 10.13
N ALA C 234 -9.44 -5.71 9.53
CA ALA C 234 -9.57 -7.02 10.12
C ALA C 234 -8.69 -8.09 9.52
N GLY C 235 -8.14 -8.83 10.47
CA GLY C 235 -7.21 -9.92 10.25
C GLY C 235 -5.80 -9.42 10.25
N ARG C 236 -4.89 -10.37 10.14
CA ARG C 236 -3.53 -10.14 9.71
C ARG C 236 -2.72 -11.34 10.14
N ILE C 237 -2.15 -12.00 9.16
CA ILE C 237 -1.32 -13.13 9.39
C ILE C 237 -0.23 -12.76 10.42
N PRO C 238 -0.12 -13.58 11.47
CA PRO C 238 0.98 -13.51 12.41
C PRO C 238 2.29 -13.81 11.72
N LEU C 239 3.33 -13.11 12.16
CA LEU C 239 4.70 -13.48 11.83
C LEU C 239 4.91 -14.90 12.29
N LYS C 240 5.25 -15.78 11.37
CA LYS C 240 5.35 -17.19 11.67
C LYS C 240 6.69 -17.45 12.29
N GLN C 241 6.67 -18.09 13.46
CA GLN C 241 7.95 -18.52 13.98
C GLN C 241 8.36 -19.96 13.69
N TYR C 242 9.67 -20.20 13.83
CA TYR C 242 10.29 -21.49 13.70
C TYR C 242 11.18 -21.68 14.97
N GLY C 243 11.44 -22.93 15.35
CA GLY C 243 12.13 -23.25 16.59
C GLY C 243 13.28 -22.32 16.95
N MET D 22 3.31 59.41 9.07
CA MET D 22 4.69 58.87 9.21
C MET D 22 4.68 57.68 10.18
N LEU D 23 4.84 56.49 9.62
CA LEU D 23 4.56 55.24 10.34
C LEU D 23 5.76 54.28 10.31
N GLN D 24 5.91 53.44 11.34
CA GLN D 24 6.77 52.25 11.20
C GLN D 24 6.10 51.36 10.17
N LEU D 25 6.88 50.94 9.18
CA LEU D 25 6.39 50.01 8.15
C LEU D 25 7.49 48.99 7.80
N ASN D 26 7.21 47.72 8.13
CA ASN D 26 7.98 46.54 7.68
C ASN D 26 9.50 46.73 7.49
N GLY D 27 10.22 46.89 8.62
CA GLY D 27 11.67 47.06 8.64
C GLY D 27 12.18 48.46 8.35
N LYS D 28 11.40 49.23 7.58
CA LYS D 28 11.78 50.58 7.12
C LYS D 28 11.04 51.68 7.90
N ASP D 29 11.56 52.91 7.80
CA ASP D 29 10.84 54.14 8.24
C ASP D 29 10.35 55.04 7.07
N VAL D 30 9.06 55.42 7.13
CA VAL D 30 8.29 55.83 5.93
C VAL D 30 7.23 56.95 6.15
N LYS D 31 6.88 57.63 5.04
CA LYS D 31 5.87 58.72 5.00
C LYS D 31 4.44 58.22 4.65
N TRP D 32 3.42 59.00 5.08
CA TRP D 32 1.98 58.70 4.84
C TRP D 32 1.16 59.95 4.44
N LYS D 33 0.80 60.03 3.15
CA LYS D 33 0.21 61.25 2.55
C LYS D 33 -1.27 61.52 2.93
N LYS D 34 -1.53 62.79 3.30
CA LYS D 34 -2.86 63.34 3.68
C LYS D 34 -3.41 63.02 5.12
N ASP D 35 -2.50 62.66 6.05
CA ASP D 35 -2.73 62.56 7.53
C ASP D 35 -3.82 61.59 8.08
N THR D 36 -5.09 62.00 7.98
CA THR D 36 -6.25 61.19 8.43
C THR D 36 -6.44 59.92 7.57
N GLY D 37 -6.66 58.76 8.22
CA GLY D 37 -6.78 57.50 7.50
C GLY D 37 -6.97 56.21 8.29
N THR D 38 -7.35 55.15 7.57
CA THR D 38 -7.62 53.83 8.16
C THR D 38 -6.69 52.78 7.51
N ILE D 39 -6.80 51.51 7.94
CA ILE D 39 -6.02 50.40 7.38
C ILE D 39 -6.43 50.11 5.94
N GLN D 40 -7.74 50.06 5.69
CA GLN D 40 -8.27 49.91 4.35
C GLN D 40 -7.50 50.77 3.33
N ASP D 41 -7.41 52.08 3.64
CA ASP D 41 -6.61 53.03 2.87
C ASP D 41 -5.16 52.57 2.61
N LEU D 42 -4.52 52.03 3.65
CA LEU D 42 -3.08 51.73 3.63
C LEU D 42 -2.72 50.70 2.55
N LEU D 43 -3.61 49.72 2.39
CA LEU D 43 -3.46 48.65 1.38
C LEU D 43 -3.82 49.11 -0.02
N ALA D 44 -4.55 50.23 -0.09
CA ALA D 44 -4.86 50.89 -1.37
C ALA D 44 -3.60 51.41 -2.10
N SER D 45 -2.67 52.03 -1.35
CA SER D 45 -1.42 52.56 -1.92
C SER D 45 -0.35 51.48 -2.27
N TYR D 46 -0.60 50.22 -1.89
CA TYR D 46 0.38 49.15 -2.09
C TYR D 46 0.01 48.05 -3.14
N GLN D 47 -1.25 48.09 -3.60
CA GLN D 47 -1.78 47.21 -4.68
C GLN D 47 -2.20 45.78 -4.29
N LEU D 48 -2.70 45.62 -3.05
CA LEU D 48 -3.10 44.31 -2.49
C LEU D 48 -4.38 44.48 -1.67
N GLU D 49 -5.27 45.33 -2.21
CA GLU D 49 -6.61 45.61 -1.68
C GLU D 49 -7.52 44.41 -1.91
N ASN D 50 -7.18 43.64 -2.96
CA ASN D 50 -7.92 42.45 -3.42
C ASN D 50 -7.28 41.10 -3.05
N LYS D 51 -5.97 41.14 -2.74
CA LYS D 51 -5.12 39.95 -2.57
C LYS D 51 -5.39 39.14 -1.27
N ILE D 52 -4.36 38.44 -0.79
CA ILE D 52 -4.36 37.88 0.56
C ILE D 52 -3.29 38.54 1.45
N VAL D 53 -3.72 38.94 2.66
CA VAL D 53 -2.84 39.63 3.60
C VAL D 53 -3.27 39.47 5.06
N ILE D 54 -2.29 39.56 5.96
CA ILE D 54 -2.54 39.83 7.38
C ILE D 54 -1.60 40.93 7.93
N VAL D 55 -2.14 41.72 8.87
CA VAL D 55 -1.58 43.02 9.24
C VAL D 55 -1.67 43.23 10.77
N GLU D 56 -0.57 43.72 11.36
CA GLU D 56 -0.49 43.91 12.83
C GLU D 56 -0.01 45.32 13.29
N ARG D 57 -0.95 46.09 13.83
CA ARG D 57 -0.74 47.46 14.35
C ARG D 57 -0.45 47.48 15.89
N ASN D 58 0.79 47.85 16.23
CA ASN D 58 1.30 47.97 17.62
C ASN D 58 1.32 46.63 18.40
N LYS D 59 2.01 45.63 17.82
CA LYS D 59 1.97 44.21 18.25
C LYS D 59 0.55 43.70 18.64
N GLU D 60 -0.48 44.30 18.02
CA GLU D 60 -1.88 43.91 18.16
C GLU D 60 -2.38 43.57 16.75
N ILE D 61 -2.91 42.36 16.60
CA ILE D 61 -3.27 41.83 15.29
C ILE D 61 -4.52 42.49 14.74
N ILE D 62 -4.51 42.85 13.45
CA ILE D 62 -5.66 43.51 12.85
C ILE D 62 -6.22 42.78 11.61
N GLY D 63 -7.51 42.43 11.68
CA GLY D 63 -8.18 41.54 10.74
C GLY D 63 -9.06 42.17 9.68
N LYS D 64 -9.46 41.34 8.70
CA LYS D 64 -10.19 41.75 7.48
C LYS D 64 -11.49 42.54 7.72
N GLU D 65 -12.35 41.99 8.59
CA GLU D 65 -13.69 42.53 8.94
C GLU D 65 -13.71 43.93 9.61
N ARG D 66 -12.57 44.35 10.18
CA ARG D 66 -12.47 45.62 10.87
C ARG D 66 -11.76 46.71 10.02
N TYR D 67 -11.77 46.50 8.70
CA TYR D 67 -10.88 47.24 7.77
C TYR D 67 -11.17 48.74 7.62
N HIS D 68 -12.45 49.08 7.46
CA HIS D 68 -12.89 50.48 7.46
C HIS D 68 -12.75 51.12 8.85
N GLU D 69 -13.10 50.36 9.88
CA GLU D 69 -13.24 50.85 11.27
C GLU D 69 -11.97 51.18 12.04
N VAL D 70 -10.84 50.54 11.74
CA VAL D 70 -9.61 50.80 12.50
C VAL D 70 -8.70 51.84 11.81
N GLU D 71 -8.64 53.02 12.46
CA GLU D 71 -7.91 54.21 11.97
C GLU D 71 -6.43 54.20 12.40
N LEU D 72 -5.55 54.50 11.43
CA LEU D 72 -4.13 54.78 11.70
C LEU D 72 -3.98 55.94 12.70
N CYS D 73 -3.39 55.65 13.87
CA CYS D 73 -2.83 56.69 14.72
C CYS D 73 -1.41 56.89 14.19
N ASP D 74 -1.36 57.50 12.99
CA ASP D 74 -0.22 57.55 12.07
C ASP D 74 1.09 56.88 12.57
N ARG D 75 1.79 57.50 13.52
CA ARG D 75 3.05 56.94 14.05
C ARG D 75 2.89 55.63 14.90
N ASP D 76 3.10 54.48 14.24
CA ASP D 76 3.02 53.13 14.86
C ASP D 76 3.46 51.93 13.95
N VAL D 77 3.46 50.71 14.53
CA VAL D 77 4.04 49.47 13.95
C VAL D 77 3.06 48.44 13.25
N ILE D 78 3.08 48.41 11.91
CA ILE D 78 2.26 47.47 11.13
C ILE D 78 3.11 46.39 10.43
N GLU D 79 2.84 45.11 10.73
CA GLU D 79 3.49 43.96 10.07
C GLU D 79 2.53 43.14 9.20
N ILE D 80 2.71 43.30 7.87
CA ILE D 80 1.92 42.70 6.78
C ILE D 80 2.55 41.37 6.37
N VAL D 81 1.74 40.33 6.13
CA VAL D 81 2.26 39.00 5.72
C VAL D 81 1.42 38.28 4.66
N HIS D 82 2.09 37.35 3.97
CA HIS D 82 1.54 36.54 2.86
C HIS D 82 1.81 35.01 3.10
N PHE D 83 1.01 34.12 2.47
CA PHE D 83 1.11 32.61 2.60
C PHE D 83 2.10 31.91 1.61
N VAL D 84 3.34 31.60 2.02
CA VAL D 84 4.38 31.19 1.02
C VAL D 84 5.09 29.82 1.21
N GLY D 85 4.46 28.73 0.74
CA GLY D 85 5.09 27.40 0.63
C GLY D 85 5.60 26.72 1.90
#